data_6PVZ
#
_entry.id   6PVZ
#
_cell.length_a   117.590
_cell.length_b   63.430
_cell.length_c   74.231
_cell.angle_alpha   90.000
_cell.angle_beta   125.020
_cell.angle_gamma   90.000
#
_symmetry.space_group_name_H-M   'C 1 2 1'
#
loop_
_entity.id
_entity.type
_entity.pdbx_description
1 polymer 'Thiol:disulfide interchange protein DsbA'
2 non-polymer '(6-benzyl-1-benzofuran-3-yl)acetic acid'
3 non-polymer 'COPPER (II) ION'
4 water water
#
_entity_poly.entity_id   1
_entity_poly.type   'polypeptide(L)'
_entity_poly.pdbx_seq_one_letter_code
;AQYEDGKQYTTLEKPVAGAPQVLEFFSFFCPHCYQFEEVLHISDNVKKKLPEGVKMTKYHVNFMGGDLGKDLTQAWAVAM
ALGVEDKVTVPLFEGVQKTQTIRSASDIRDVFINAGIKGEEYDAAWNSFVVKSLVAQQEKAAADVQLRGVPAMFVNGKYQ
LNPQGMDTSNMDVFVQQYADTVKYLSEKK
;
_entity_poly.pdbx_strand_id   A,B
#
# COMPACT_ATOMS: atom_id res chain seq x y z
N ALA A 1 -13.93 -14.81 -27.19
CA ALA A 1 -12.73 -15.50 -26.74
C ALA A 1 -12.57 -15.42 -25.22
N GLN A 2 -11.91 -16.43 -24.65
CA GLN A 2 -11.67 -16.44 -23.21
C GLN A 2 -10.75 -15.29 -22.79
N TYR A 3 -9.71 -15.03 -23.58
CA TYR A 3 -8.86 -13.87 -23.40
C TYR A 3 -9.23 -12.84 -24.47
N GLU A 4 -9.51 -11.61 -24.04
CA GLU A 4 -9.97 -10.58 -24.96
C GLU A 4 -9.22 -9.28 -24.73
N ASP A 5 -8.85 -8.64 -25.84
CA ASP A 5 -8.36 -7.28 -25.80
C ASP A 5 -9.35 -6.39 -25.08
N GLY A 6 -8.88 -5.69 -24.06
CA GLY A 6 -9.73 -4.86 -23.22
C GLY A 6 -10.15 -5.51 -21.92
N LYS A 7 -9.97 -6.83 -21.78
CA LYS A 7 -10.32 -7.49 -20.53
C LYS A 7 -9.08 -7.78 -19.71
N GLN A 8 -8.39 -8.89 -20.02
CA GLN A 8 -7.18 -9.24 -19.28
C GLN A 8 -5.95 -8.49 -19.78
N TYR A 9 -6.01 -7.93 -20.98
CA TYR A 9 -4.87 -7.20 -21.54
C TYR A 9 -5.36 -6.14 -22.50
N THR A 10 -4.48 -5.22 -22.85
CA THR A 10 -4.70 -4.29 -23.94
C THR A 10 -3.54 -4.41 -24.90
N THR A 11 -3.71 -3.86 -26.10
CA THR A 11 -2.71 -3.96 -27.15
C THR A 11 -2.22 -2.56 -27.50
N LEU A 12 -0.89 -2.38 -27.52
CA LEU A 12 -0.30 -1.09 -27.82
C LEU A 12 -0.59 -0.71 -29.26
N GLU A 13 -1.37 0.35 -29.45
CA GLU A 13 -1.64 0.84 -30.80
C GLU A 13 -0.37 1.27 -31.52
N LYS A 14 0.68 1.62 -30.78
CA LYS A 14 2.01 1.86 -31.33
C LYS A 14 2.95 0.83 -30.71
N PRO A 15 3.17 -0.29 -31.38
CA PRO A 15 4.03 -1.35 -30.81
C PRO A 15 5.47 -0.89 -30.67
N VAL A 16 6.18 -1.54 -29.76
CA VAL A 16 7.54 -1.17 -29.40
C VAL A 16 8.47 -2.28 -29.86
N ALA A 17 9.25 -2.02 -30.90
CA ALA A 17 10.14 -3.03 -31.46
C ALA A 17 11.33 -3.28 -30.54
N GLY A 18 11.69 -4.55 -30.41
CA GLY A 18 12.91 -4.95 -29.73
C GLY A 18 12.91 -4.67 -28.24
N ALA A 19 11.84 -5.02 -27.55
CA ALA A 19 11.74 -4.78 -26.11
C ALA A 19 11.96 -6.07 -25.36
N PRO A 20 12.14 -5.99 -24.05
CA PRO A 20 12.33 -7.20 -23.27
C PRO A 20 11.08 -8.07 -23.36
N GLN A 21 11.31 -9.38 -23.34
CA GLN A 21 10.23 -10.37 -23.39
C GLN A 21 9.16 -10.07 -22.34
N VAL A 22 9.55 -10.02 -21.07
CA VAL A 22 8.66 -9.60 -19.99
C VAL A 22 9.26 -8.37 -19.34
N LEU A 23 8.51 -7.27 -19.37
CA LEU A 23 9.00 -5.98 -18.89
C LEU A 23 8.01 -5.40 -17.88
N GLU A 24 8.47 -5.26 -16.64
CA GLU A 24 7.65 -4.74 -15.56
C GLU A 24 8.15 -3.35 -15.17
N PHE A 25 7.20 -2.47 -14.83
CA PHE A 25 7.51 -1.13 -14.34
C PHE A 25 6.86 -0.97 -12.96
N PHE A 26 7.59 -0.38 -12.03
CA PHE A 26 7.09 -0.20 -10.68
C PHE A 26 7.64 1.10 -10.10
N SER A 27 7.08 1.49 -8.95
CA SER A 27 7.62 2.57 -8.13
C SER A 27 7.60 2.13 -6.68
N PHE A 28 8.67 2.47 -5.95
CA PHE A 28 8.64 2.21 -4.52
C PHE A 28 7.59 3.05 -3.80
N PHE A 29 7.05 4.07 -4.45
CA PHE A 29 5.94 4.85 -3.90
C PHE A 29 4.56 4.29 -4.25
N CYS A 30 4.48 3.32 -5.16
CA CYS A 30 3.22 2.85 -5.74
C CYS A 30 2.59 1.82 -4.81
N PRO A 31 1.39 2.08 -4.26
CA PRO A 31 0.87 1.14 -3.25
C PRO A 31 0.58 -0.25 -3.79
N HIS A 32 0.13 -0.36 -5.04
CA HIS A 32 -0.09 -1.69 -5.63
C HIS A 32 1.21 -2.43 -5.84
N CYS A 33 2.29 -1.70 -6.13
CA CYS A 33 3.57 -2.36 -6.39
C CYS A 33 4.10 -3.01 -5.13
N TYR A 34 3.88 -2.38 -3.98
CA TYR A 34 4.22 -2.95 -2.68
C TYR A 34 3.59 -4.33 -2.53
N GLN A 35 2.30 -4.44 -2.85
CA GLN A 35 1.62 -5.74 -2.76
C GLN A 35 2.18 -6.73 -3.77
N PHE A 36 2.43 -6.26 -5.01
CA PHE A 36 3.00 -7.15 -6.01
C PHE A 36 4.29 -7.78 -5.52
N GLU A 37 5.04 -7.07 -4.67
CA GLU A 37 6.28 -7.59 -4.13
C GLU A 37 6.05 -8.47 -2.90
N GLU A 38 5.35 -7.93 -1.89
CA GLU A 38 5.36 -8.54 -0.57
C GLU A 38 4.30 -9.62 -0.35
N VAL A 39 3.11 -9.49 -0.92
CA VAL A 39 2.04 -10.43 -0.63
C VAL A 39 1.56 -11.20 -1.86
N LEU A 40 1.77 -10.70 -3.07
CA LEU A 40 1.35 -11.40 -4.28
C LEU A 40 2.49 -12.08 -5.02
N HIS A 41 3.71 -11.56 -4.89
CA HIS A 41 4.89 -12.15 -5.52
C HIS A 41 4.66 -12.38 -7.00
N ILE A 42 4.20 -11.33 -7.68
CA ILE A 42 3.77 -11.43 -9.07
C ILE A 42 4.93 -11.89 -9.95
N SER A 43 6.11 -11.30 -9.78
CA SER A 43 7.24 -11.63 -10.64
C SER A 43 7.60 -13.11 -10.53
N ASP A 44 7.71 -13.63 -9.31
N ASP A 44 7.72 -13.62 -9.31
CA ASP A 44 8.08 -15.03 -9.16
CA ASP A 44 8.07 -15.02 -9.11
C ASP A 44 7.01 -15.96 -9.72
C ASP A 44 7.02 -15.94 -9.73
N ASN A 45 5.74 -15.61 -9.53
CA ASN A 45 4.67 -16.49 -10.02
C ASN A 45 4.56 -16.44 -11.54
N VAL A 46 4.81 -15.28 -12.15
CA VAL A 46 4.87 -15.23 -13.60
C VAL A 46 6.06 -16.05 -14.11
N LYS A 47 7.23 -15.86 -13.47
CA LYS A 47 8.42 -16.60 -13.88
C LYS A 47 8.19 -18.10 -13.88
N LYS A 48 7.43 -18.60 -12.89
CA LYS A 48 7.19 -20.03 -12.79
C LYS A 48 6.23 -20.56 -13.85
N LYS A 49 5.44 -19.69 -14.48
CA LYS A 49 4.54 -20.09 -15.54
C LYS A 49 5.13 -19.91 -16.93
N LEU A 50 6.32 -19.35 -17.05
CA LEU A 50 7.00 -19.16 -18.31
C LEU A 50 8.13 -20.17 -18.48
N PRO A 51 8.54 -20.44 -19.71
CA PRO A 51 9.63 -21.41 -19.91
C PRO A 51 10.92 -20.95 -19.26
N GLU A 52 11.74 -21.93 -18.88
CA GLU A 52 13.01 -21.67 -18.23
C GLU A 52 13.89 -20.75 -19.09
N GLY A 53 14.48 -19.75 -18.45
CA GLY A 53 15.45 -18.90 -19.11
C GLY A 53 14.87 -17.70 -19.83
N VAL A 54 13.54 -17.54 -19.87
CA VAL A 54 12.98 -16.34 -20.46
C VAL A 54 13.52 -15.11 -19.75
N LYS A 55 13.67 -14.03 -20.51
CA LYS A 55 14.22 -12.79 -19.96
C LYS A 55 13.10 -11.98 -19.32
N MET A 56 13.25 -11.66 -18.04
CA MET A 56 12.33 -10.79 -17.32
C MET A 56 13.11 -9.57 -16.84
N THR A 57 12.56 -8.38 -17.10
CA THR A 57 13.19 -7.13 -16.75
C THR A 57 12.24 -6.31 -15.90
N LYS A 58 12.79 -5.57 -14.93
CA LYS A 58 11.97 -4.75 -14.04
C LYS A 58 12.65 -3.42 -13.84
N TYR A 59 11.94 -2.33 -14.15
CA TYR A 59 12.47 -0.98 -14.11
C TYR A 59 11.63 -0.12 -13.17
N HIS A 60 12.29 0.86 -12.56
CA HIS A 60 11.64 1.86 -11.71
C HIS A 60 11.26 3.07 -12.56
N VAL A 61 10.28 3.85 -12.06
CA VAL A 61 9.78 4.99 -12.80
C VAL A 61 9.92 6.25 -11.94
N ASN A 62 9.90 7.39 -12.63
CA ASN A 62 10.09 8.68 -11.99
C ASN A 62 8.80 9.34 -11.53
N PHE A 63 7.65 8.95 -12.06
CA PHE A 63 6.54 9.90 -12.03
C PHE A 63 5.85 9.99 -10.67
N MET A 64 6.22 9.15 -9.71
CA MET A 64 5.70 9.23 -8.34
C MET A 64 6.82 9.65 -7.39
N GLY A 65 6.53 10.63 -6.54
CA GLY A 65 7.45 10.96 -5.46
C GLY A 65 8.41 12.09 -5.73
N GLY A 66 8.23 12.84 -6.82
CA GLY A 66 9.05 14.01 -7.05
C GLY A 66 10.54 13.73 -7.01
N ASP A 67 11.29 14.55 -6.26
CA ASP A 67 12.73 14.39 -6.15
C ASP A 67 13.10 12.97 -5.73
N LEU A 68 12.44 12.48 -4.68
CA LEU A 68 12.79 11.17 -4.15
C LEU A 68 12.50 10.08 -5.17
N GLY A 69 11.44 10.26 -5.97
CA GLY A 69 11.15 9.31 -7.02
C GLY A 69 12.29 9.13 -8.00
N LYS A 70 12.91 10.24 -8.41
CA LYS A 70 14.07 10.15 -9.30
C LYS A 70 15.28 9.58 -8.58
N ASP A 71 15.46 9.93 -7.30
CA ASP A 71 16.51 9.29 -6.51
C ASP A 71 16.33 7.78 -6.50
N LEU A 72 15.08 7.32 -6.39
CA LEU A 72 14.83 5.89 -6.30
C LEU A 72 15.07 5.20 -7.63
N THR A 73 14.83 5.89 -8.76
CA THR A 73 15.19 5.30 -10.04
C THR A 73 16.69 5.14 -10.18
N GLN A 74 17.45 6.12 -9.69
CA GLN A 74 18.91 6.01 -9.70
C GLN A 74 19.39 4.91 -8.74
N ALA A 75 18.75 4.80 -7.57
CA ALA A 75 19.08 3.74 -6.64
C ALA A 75 18.77 2.37 -7.23
N TRP A 76 17.66 2.26 -7.96
CA TRP A 76 17.35 0.99 -8.61
C TRP A 76 18.39 0.66 -9.67
N ALA A 77 18.90 1.67 -10.37
CA ALA A 77 19.99 1.43 -11.31
C ALA A 77 21.23 0.91 -10.58
N VAL A 78 21.54 1.49 -9.42
CA VAL A 78 22.62 0.96 -8.60
C VAL A 78 22.36 -0.49 -8.23
N ALA A 79 21.14 -0.80 -7.79
CA ALA A 79 20.82 -2.18 -7.42
C ALA A 79 21.00 -3.13 -8.59
N MET A 80 20.62 -2.69 -9.80
CA MET A 80 20.77 -3.54 -10.97
C MET A 80 22.25 -3.70 -11.35
N ALA A 81 23.00 -2.59 -11.32
CA ALA A 81 24.42 -2.67 -11.65
C ALA A 81 25.17 -3.58 -10.68
N LEU A 82 24.85 -3.50 -9.39
CA LEU A 82 25.50 -4.32 -8.38
C LEU A 82 24.87 -5.70 -8.23
N GLY A 83 23.71 -5.92 -8.83
CA GLY A 83 23.03 -7.21 -8.70
C GLY A 83 22.52 -7.50 -7.30
N VAL A 84 21.98 -6.49 -6.61
CA VAL A 84 21.50 -6.65 -5.25
C VAL A 84 20.01 -6.36 -5.13
N GLU A 85 19.27 -6.46 -6.24
CA GLU A 85 17.83 -6.19 -6.22
C GLU A 85 17.14 -6.96 -5.10
N ASP A 86 17.45 -8.25 -4.98
CA ASP A 86 16.77 -9.08 -3.99
C ASP A 86 17.07 -8.66 -2.56
N LYS A 87 18.17 -7.94 -2.34
CA LYS A 87 18.56 -7.54 -1.00
C LYS A 87 17.94 -6.22 -0.57
N VAL A 88 17.57 -5.35 -1.52
CA VAL A 88 17.12 -4.00 -1.18
C VAL A 88 15.65 -3.75 -1.51
N THR A 89 15.00 -4.60 -2.31
CA THR A 89 13.64 -4.30 -2.73
C THR A 89 12.70 -4.16 -1.53
N VAL A 90 12.69 -5.15 -0.64
CA VAL A 90 11.79 -5.10 0.51
C VAL A 90 12.11 -3.92 1.44
N PRO A 91 13.36 -3.76 1.89
CA PRO A 91 13.64 -2.60 2.76
C PRO A 91 13.34 -1.25 2.11
N LEU A 92 13.48 -1.14 0.78
CA LEU A 92 13.11 0.11 0.13
C LEU A 92 11.60 0.31 0.12
N PHE A 93 10.84 -0.74 -0.21
CA PHE A 93 9.38 -0.64 -0.14
C PHE A 93 8.93 -0.25 1.27
N GLU A 94 9.49 -0.92 2.29
CA GLU A 94 9.03 -0.65 3.64
C GLU A 94 9.54 0.70 4.15
N GLY A 95 10.75 1.09 3.76
CA GLY A 95 11.25 2.41 4.13
C GLY A 95 10.40 3.53 3.56
N VAL A 96 9.88 3.35 2.35
CA VAL A 96 9.07 4.40 1.72
C VAL A 96 7.64 4.37 2.24
N GLN A 97 7.03 3.19 2.30
CA GLN A 97 5.59 3.10 2.50
C GLN A 97 5.18 2.65 3.89
N LYS A 98 5.98 1.86 4.59
CA LYS A 98 5.55 1.34 5.89
C LYS A 98 6.07 2.18 7.05
N THR A 99 7.39 2.28 7.19
CA THR A 99 7.99 3.07 8.24
C THR A 99 8.15 4.53 7.85
N GLN A 100 8.16 4.83 6.55
CA GLN A 100 8.36 6.19 6.05
C GLN A 100 9.61 6.81 6.67
N THR A 101 10.67 6.00 6.71
CA THR A 101 11.98 6.45 7.16
C THR A 101 12.90 6.83 6.01
N ILE A 102 12.40 6.77 4.77
CA ILE A 102 13.17 7.16 3.61
C ILE A 102 12.65 8.51 3.13
N ARG A 103 13.42 9.57 3.40
CA ARG A 103 13.01 10.93 3.09
C ARG A 103 14.06 11.67 2.26
N SER A 104 15.18 11.02 1.93
CA SER A 104 16.28 11.68 1.27
C SER A 104 17.15 10.62 0.62
N ALA A 105 18.03 11.06 -0.27
CA ALA A 105 18.96 10.13 -0.91
C ALA A 105 19.87 9.47 0.12
N SER A 106 20.20 10.17 1.21
CA SER A 106 21.02 9.57 2.26
C SER A 106 20.28 8.41 2.92
N ASP A 107 18.98 8.56 3.16
CA ASP A 107 18.20 7.46 3.74
C ASP A 107 18.18 6.25 2.80
N ILE A 108 18.08 6.49 1.49
CA ILE A 108 18.16 5.38 0.54
C ILE A 108 19.49 4.68 0.67
N ARG A 109 20.58 5.45 0.71
CA ARG A 109 21.91 4.88 0.90
C ARG A 109 21.95 4.00 2.15
N ASP A 110 21.34 4.47 3.25
CA ASP A 110 21.36 3.69 4.49
C ASP A 110 20.78 2.28 4.27
N VAL A 111 19.73 2.18 3.45
CA VAL A 111 19.12 0.86 3.19
C VAL A 111 20.16 -0.08 2.60
N PHE A 112 20.94 0.40 1.62
CA PHE A 112 21.97 -0.43 1.02
C PHE A 112 23.06 -0.78 2.02
N ILE A 113 23.51 0.21 2.81
CA ILE A 113 24.52 -0.05 3.83
C ILE A 113 24.04 -1.14 4.78
N ASN A 114 22.82 -0.99 5.28
CA ASN A 114 22.25 -1.98 6.20
C ASN A 114 22.14 -3.35 5.55
N ALA A 115 21.94 -3.41 4.23
CA ALA A 115 21.83 -4.67 3.53
C ALA A 115 23.19 -5.27 3.18
N GLY A 116 24.29 -4.66 3.60
CA GLY A 116 25.60 -5.21 3.42
C GLY A 116 26.39 -4.72 2.22
N ILE A 117 25.88 -3.72 1.47
CA ILE A 117 26.65 -3.13 0.38
C ILE A 117 27.60 -2.09 0.98
N LYS A 118 28.89 -2.21 0.68
CA LYS A 118 29.87 -1.29 1.23
C LYS A 118 29.60 0.13 0.75
N GLY A 119 29.91 1.11 1.62
CA GLY A 119 29.66 2.49 1.28
C GLY A 119 30.44 2.92 0.05
N GLU A 120 31.71 2.52 -0.03
CA GLU A 120 32.52 2.86 -1.19
C GLU A 120 31.91 2.31 -2.47
N GLU A 121 31.42 1.07 -2.42
CA GLU A 121 30.82 0.46 -3.62
C GLU A 121 29.53 1.17 -4.01
N TYR A 122 28.69 1.48 -3.02
CA TYR A 122 27.46 2.20 -3.33
C TYR A 122 27.77 3.55 -3.99
N ASP A 123 28.62 4.34 -3.36
CA ASP A 123 28.89 5.69 -3.86
C ASP A 123 29.54 5.64 -5.24
N ALA A 124 30.47 4.70 -5.46
CA ALA A 124 31.09 4.56 -6.78
C ALA A 124 30.05 4.25 -7.84
N ALA A 125 29.15 3.31 -7.55
CA ALA A 125 28.09 2.99 -8.50
C ALA A 125 27.15 4.17 -8.68
N TRP A 126 26.75 4.81 -7.59
CA TRP A 126 25.81 5.92 -7.66
C TRP A 126 26.29 7.00 -8.62
N ASN A 127 27.60 7.26 -8.62
CA ASN A 127 28.18 8.33 -9.44
C ASN A 127 28.71 7.83 -10.78
N SER A 128 28.50 6.55 -11.11
CA SER A 128 29.10 5.97 -12.30
C SER A 128 28.27 6.29 -13.55
N PHE A 129 28.95 6.31 -14.69
CA PHE A 129 28.25 6.51 -15.95
C PHE A 129 27.51 5.25 -16.38
N VAL A 130 27.95 4.08 -15.93
CA VAL A 130 27.15 2.88 -16.14
C VAL A 130 25.78 3.04 -15.50
N VAL A 131 25.73 3.63 -14.30
CA VAL A 131 24.44 3.85 -13.65
C VAL A 131 23.68 4.97 -14.35
N LYS A 132 24.37 6.03 -14.77
CA LYS A 132 23.73 7.05 -15.60
C LYS A 132 23.03 6.43 -16.80
N SER A 133 23.69 5.48 -17.46
CA SER A 133 23.10 4.86 -18.63
C SER A 133 21.93 3.96 -18.27
N LEU A 134 22.01 3.27 -17.13
CA LEU A 134 20.89 2.44 -16.68
C LEU A 134 19.68 3.30 -16.29
N VAL A 135 19.92 4.50 -15.76
CA VAL A 135 18.81 5.42 -15.53
C VAL A 135 18.17 5.80 -16.86
N ALA A 136 18.99 6.14 -17.85
CA ALA A 136 18.46 6.46 -19.18
C ALA A 136 17.68 5.29 -19.75
N GLN A 137 18.18 4.07 -19.55
CA GLN A 137 17.51 2.89 -20.10
C GLN A 137 16.13 2.71 -19.48
N GLN A 138 16.02 2.92 -18.17
CA GLN A 138 14.72 2.80 -17.52
C GLN A 138 13.75 3.86 -18.01
N GLU A 139 14.23 5.10 -18.15
CA GLU A 139 13.38 6.17 -18.65
C GLU A 139 12.93 5.90 -20.08
N LYS A 140 13.86 5.44 -20.92
CA LYS A 140 13.51 5.18 -22.32
C LYS A 140 12.47 4.09 -22.45
N ALA A 141 12.62 3.00 -21.67
CA ALA A 141 11.65 1.92 -21.72
C ALA A 141 10.25 2.42 -21.38
N ALA A 142 10.13 3.20 -20.31
CA ALA A 142 8.84 3.75 -19.93
C ALA A 142 8.34 4.75 -20.96
N ALA A 143 9.24 5.59 -21.49
CA ALA A 143 8.84 6.59 -22.48
C ALA A 143 8.22 5.93 -23.70
N ASP A 144 8.76 4.78 -24.13
CA ASP A 144 8.25 4.12 -25.31
C ASP A 144 6.73 3.97 -25.29
N VAL A 145 6.12 3.89 -24.10
CA VAL A 145 4.67 3.67 -24.02
C VAL A 145 4.01 4.75 -23.17
N GLN A 146 4.69 5.87 -22.97
CA GLN A 146 4.18 6.99 -22.19
C GLN A 146 3.48 6.50 -20.93
N LEU A 147 4.14 5.58 -20.23
CA LEU A 147 3.63 4.99 -19.01
C LEU A 147 3.12 6.06 -18.05
N ARG A 148 1.83 5.98 -17.71
CA ARG A 148 1.24 6.88 -16.71
C ARG A 148 0.74 6.14 -15.48
N GLY A 149 0.96 4.84 -15.40
CA GLY A 149 0.50 4.06 -14.28
C GLY A 149 1.31 2.81 -13.99
N VAL A 150 1.52 2.52 -12.72
CA VAL A 150 2.19 1.28 -12.28
C VAL A 150 1.32 0.64 -11.22
N PRO A 151 1.50 -0.67 -10.98
CA PRO A 151 2.43 -1.58 -11.66
C PRO A 151 1.97 -1.93 -13.06
N ALA A 152 2.91 -2.02 -14.00
CA ALA A 152 2.61 -2.33 -15.37
C ALA A 152 3.51 -3.46 -15.85
N MET A 153 2.97 -4.31 -16.71
CA MET A 153 3.77 -5.36 -17.35
C MET A 153 3.47 -5.37 -18.84
N PHE A 154 4.52 -5.45 -19.65
CA PHE A 154 4.41 -5.52 -21.09
C PHE A 154 5.04 -6.81 -21.58
N VAL A 155 4.38 -7.47 -22.53
CA VAL A 155 4.83 -8.74 -23.06
C VAL A 155 5.24 -8.54 -24.52
N ASN A 156 6.50 -8.87 -24.83
CA ASN A 156 7.03 -8.75 -26.19
C ASN A 156 6.82 -7.35 -26.77
N GLY A 157 6.87 -6.33 -25.90
CA GLY A 157 6.69 -4.96 -26.33
C GLY A 157 5.42 -4.71 -27.11
N LYS A 158 4.39 -5.53 -26.89
CA LYS A 158 3.19 -5.44 -27.72
C LYS A 158 1.92 -5.39 -26.88
N TYR A 159 1.87 -6.20 -25.81
CA TYR A 159 0.67 -6.36 -24.99
C TYR A 159 0.94 -5.87 -23.57
N GLN A 160 -0.05 -5.19 -23.01
CA GLN A 160 0.03 -4.66 -21.65
C GLN A 160 -1.00 -5.38 -20.78
N LEU A 161 -0.54 -5.90 -19.64
CA LEU A 161 -1.45 -6.55 -18.71
C LEU A 161 -2.49 -5.55 -18.20
N ASN A 162 -3.71 -6.02 -17.98
CA ASN A 162 -4.81 -5.21 -17.50
C ASN A 162 -5.38 -5.83 -16.23
N PRO A 163 -4.71 -5.66 -15.09
CA PRO A 163 -5.21 -6.26 -13.84
C PRO A 163 -6.56 -5.72 -13.41
N GLN A 164 -6.95 -4.54 -13.90
CA GLN A 164 -8.27 -4.01 -13.57
C GLN A 164 -9.38 -4.98 -13.98
N GLY A 165 -9.11 -5.86 -14.94
CA GLY A 165 -10.11 -6.79 -15.41
C GLY A 165 -10.02 -8.18 -14.82
N MET A 166 -9.35 -8.32 -13.67
CA MET A 166 -9.13 -9.60 -13.04
C MET A 166 -9.78 -9.66 -11.67
N ASP A 167 -10.12 -10.88 -11.25
CA ASP A 167 -10.81 -11.08 -9.98
C ASP A 167 -9.92 -10.67 -8.80
N THR A 168 -10.45 -9.83 -7.92
CA THR A 168 -9.75 -9.41 -6.72
C THR A 168 -10.42 -9.87 -5.44
N SER A 169 -11.40 -10.79 -5.54
CA SER A 169 -11.98 -11.35 -4.32
C SER A 169 -11.03 -12.31 -3.64
N ASN A 170 -10.04 -12.83 -4.36
CA ASN A 170 -9.12 -13.85 -3.87
C ASN A 170 -7.74 -13.55 -4.41
N MET A 171 -6.78 -13.31 -3.51
CA MET A 171 -5.45 -12.88 -3.94
C MET A 171 -4.75 -13.93 -4.78
N ASP A 172 -4.93 -15.21 -4.46
CA ASP A 172 -4.23 -16.24 -5.22
C ASP A 172 -4.87 -16.46 -6.58
N VAL A 173 -6.19 -16.36 -6.67
CA VAL A 173 -6.84 -16.42 -7.99
C VAL A 173 -6.35 -15.28 -8.87
N PHE A 174 -6.25 -14.08 -8.30
CA PHE A 174 -5.74 -12.94 -9.05
C PHE A 174 -4.34 -13.22 -9.61
N VAL A 175 -3.42 -13.68 -8.75
CA VAL A 175 -2.07 -13.98 -9.19
C VAL A 175 -2.09 -15.02 -10.30
N GLN A 176 -2.93 -16.05 -10.15
CA GLN A 176 -3.04 -17.10 -11.15
C GLN A 176 -3.52 -16.55 -12.49
N GLN A 177 -4.59 -15.74 -12.45
CA GLN A 177 -5.08 -15.14 -13.69
C GLN A 177 -4.03 -14.25 -14.34
N TYR A 178 -3.36 -13.43 -13.54
CA TYR A 178 -2.30 -12.56 -14.05
C TYR A 178 -1.21 -13.37 -14.72
N ALA A 179 -0.68 -14.37 -14.03
CA ALA A 179 0.38 -15.20 -14.58
C ALA A 179 -0.08 -15.96 -15.82
N ASP A 180 -1.29 -16.52 -15.76
CA ASP A 180 -1.80 -17.24 -16.93
C ASP A 180 -2.00 -16.31 -18.13
N THR A 181 -2.38 -15.05 -17.87
CA THR A 181 -2.49 -14.10 -18.97
C THR A 181 -1.12 -13.81 -19.59
N VAL A 182 -0.10 -13.65 -18.75
CA VAL A 182 1.25 -13.46 -19.27
C VAL A 182 1.66 -14.65 -20.13
N LYS A 183 1.42 -15.86 -19.63
CA LYS A 183 1.76 -17.05 -20.41
C LYS A 183 1.03 -17.06 -21.74
N TYR A 184 -0.28 -16.78 -21.72
CA TYR A 184 -1.05 -16.71 -22.95
C TYR A 184 -0.47 -15.67 -23.91
N LEU A 185 -0.15 -14.49 -23.40
CA LEU A 185 0.39 -13.45 -24.28
C LEU A 185 1.75 -13.86 -24.85
N SER A 186 2.57 -14.55 -24.06
CA SER A 186 3.91 -14.93 -24.50
C SER A 186 3.87 -15.96 -25.61
N GLU A 187 2.85 -16.83 -25.62
CA GLU A 187 2.71 -17.91 -26.60
C GLU A 187 2.01 -17.42 -27.86
N LYS A 188 1.84 -16.10 -27.99
CA LYS A 188 0.92 -15.49 -28.98
C LYS A 188 1.64 -14.87 -30.17
N ALA B 1 2.43 30.95 16.96
CA ALA B 1 1.60 29.96 17.64
C ALA B 1 2.11 28.55 17.39
N GLN B 2 2.00 27.69 18.40
CA GLN B 2 2.50 26.34 18.26
C GLN B 2 1.77 25.61 17.13
N TYR B 3 0.44 25.58 17.18
CA TYR B 3 -0.35 24.87 16.20
C TYR B 3 -0.73 25.82 15.07
N GLU B 4 -0.36 25.44 13.85
CA GLU B 4 -0.55 26.29 12.68
C GLU B 4 -1.28 25.50 11.60
N ASP B 5 -2.36 26.06 11.10
CA ASP B 5 -3.10 25.44 10.00
C ASP B 5 -2.15 25.13 8.85
N GLY B 6 -2.17 23.88 8.40
CA GLY B 6 -1.26 23.42 7.39
C GLY B 6 0.01 22.79 7.91
N LYS B 7 0.31 22.96 9.21
CA LYS B 7 1.45 22.31 9.82
C LYS B 7 1.02 20.98 10.44
N GLN B 8 0.59 21.01 11.71
CA GLN B 8 0.16 19.78 12.37
C GLN B 8 -1.18 19.27 11.87
N TYR B 9 -1.95 20.10 11.17
CA TYR B 9 -3.31 19.73 10.77
C TYR B 9 -3.74 20.61 9.62
N THR B 10 -4.80 20.20 8.94
CA THR B 10 -5.47 21.04 7.97
C THR B 10 -6.95 21.15 8.36
N THR B 11 -7.65 22.04 7.67
CA THR B 11 -9.03 22.37 7.98
C THR B 11 -9.90 21.97 6.80
N LEU B 12 -10.92 21.16 7.08
CA LEU B 12 -11.89 20.80 6.05
C LEU B 12 -12.63 22.04 5.53
N GLU B 13 -12.66 22.19 4.19
CA GLU B 13 -13.40 23.30 3.60
C GLU B 13 -14.89 23.29 3.94
N LYS B 14 -15.54 22.13 3.69
CA LYS B 14 -16.92 21.90 4.13
C LYS B 14 -16.94 20.97 5.33
N PRO B 15 -17.11 21.48 6.55
CA PRO B 15 -17.13 20.60 7.72
C PRO B 15 -18.33 19.65 7.68
N VAL B 16 -18.18 18.53 8.37
CA VAL B 16 -19.18 17.47 8.37
C VAL B 16 -19.93 17.54 9.69
N ALA B 17 -21.23 17.79 9.62
CA ALA B 17 -22.06 17.82 10.82
C ALA B 17 -22.42 16.41 11.26
N GLY B 18 -22.41 16.19 12.58
CA GLY B 18 -22.74 14.90 13.13
C GLY B 18 -21.63 13.87 13.09
N ALA B 19 -20.37 14.30 12.86
CA ALA B 19 -19.28 13.35 12.79
C ALA B 19 -18.72 13.04 14.18
N PRO B 20 -18.12 11.87 14.34
CA PRO B 20 -17.53 11.52 15.65
C PRO B 20 -16.50 12.56 16.08
N GLN B 21 -16.30 12.63 17.40
CA GLN B 21 -15.33 13.57 17.96
C GLN B 21 -13.93 13.28 17.43
N VAL B 22 -13.54 12.01 17.41
CA VAL B 22 -12.23 11.59 16.94
C VAL B 22 -12.46 10.39 16.03
N LEU B 23 -12.32 10.59 14.71
CA LEU B 23 -12.62 9.56 13.72
C LEU B 23 -11.34 9.15 13.03
N GLU B 24 -10.98 7.88 13.16
CA GLU B 24 -9.80 7.31 12.52
C GLU B 24 -10.22 6.35 11.41
N PHE B 25 -9.53 6.43 10.27
CA PHE B 25 -9.73 5.50 9.16
C PHE B 25 -8.45 4.69 8.94
N PHE B 26 -8.62 3.40 8.60
CA PHE B 26 -7.48 2.53 8.33
C PHE B 26 -7.91 1.47 7.34
N SER B 27 -6.94 0.65 6.94
CA SER B 27 -7.19 -0.52 6.12
C SER B 27 -6.21 -1.61 6.56
N PHE B 28 -6.70 -2.86 6.62
CA PHE B 28 -5.79 -3.96 6.94
C PHE B 28 -4.78 -4.22 5.84
N PHE B 29 -5.00 -3.69 4.64
CA PHE B 29 -4.02 -3.78 3.56
C PHE B 29 -2.93 -2.71 3.64
N CYS B 30 -3.15 -1.66 4.41
CA CYS B 30 -2.31 -0.47 4.44
C CYS B 30 -1.11 -0.69 5.36
N PRO B 31 0.12 -0.73 4.82
CA PRO B 31 1.28 -1.01 5.69
C PRO B 31 1.57 0.11 6.67
N HIS B 32 1.38 1.35 6.25
CA HIS B 32 1.56 2.48 7.16
C HIS B 32 0.57 2.43 8.31
N CYS B 33 -0.64 1.90 8.07
CA CYS B 33 -1.63 1.79 9.16
C CYS B 33 -1.19 0.75 10.17
N TYR B 34 -0.65 -0.37 9.68
CA TYR B 34 -0.02 -1.37 10.52
C TYR B 34 1.07 -0.75 11.37
N GLN B 35 1.94 0.04 10.74
CA GLN B 35 2.95 0.78 11.47
C GLN B 35 2.32 1.68 12.53
N PHE B 36 1.33 2.50 12.15
CA PHE B 36 0.72 3.41 13.10
C PHE B 36 0.11 2.65 14.27
N GLU B 37 -0.63 1.57 13.99
CA GLU B 37 -1.39 0.95 15.07
C GLU B 37 -0.51 0.06 15.95
N GLU B 38 0.40 -0.72 15.34
CA GLU B 38 1.07 -1.79 16.04
C GLU B 38 2.54 -1.53 16.33
N VAL B 39 3.15 -0.52 15.72
CA VAL B 39 4.54 -0.16 15.99
C VAL B 39 4.63 1.18 16.71
N LEU B 40 4.06 2.23 16.12
CA LEU B 40 4.08 3.53 16.77
C LEU B 40 3.02 3.66 17.87
N HIS B 41 1.98 2.83 17.85
CA HIS B 41 0.94 2.91 18.88
C HIS B 41 0.28 4.28 18.89
N ILE B 42 0.03 4.84 17.71
CA ILE B 42 -0.54 6.18 17.62
C ILE B 42 -1.85 6.26 18.39
N SER B 43 -2.79 5.36 18.08
CA SER B 43 -4.11 5.42 18.72
C SER B 43 -4.00 5.29 20.23
N ASP B 44 -3.13 4.40 20.71
CA ASP B 44 -2.91 4.28 22.16
C ASP B 44 -2.50 5.62 22.76
N ASN B 45 -1.55 6.31 22.12
CA ASN B 45 -1.04 7.54 22.69
C ASN B 45 -2.03 8.68 22.54
N VAL B 46 -2.82 8.68 21.47
CA VAL B 46 -3.92 9.64 21.38
C VAL B 46 -4.91 9.42 22.52
N LYS B 47 -5.39 8.17 22.66
CA LYS B 47 -6.40 7.88 23.67
C LYS B 47 -5.92 8.27 25.07
N LYS B 48 -4.64 8.04 25.36
CA LYS B 48 -4.13 8.34 26.69
C LYS B 48 -4.26 9.83 27.01
N LYS B 49 -4.31 10.69 26.00
CA LYS B 49 -4.35 12.12 26.20
C LYS B 49 -5.70 12.76 25.85
N LEU B 50 -6.70 11.97 25.51
CA LEU B 50 -7.99 12.54 25.14
C LEU B 50 -8.69 13.11 26.38
N PRO B 51 -9.31 14.29 26.27
CA PRO B 51 -10.09 14.82 27.39
C PRO B 51 -11.20 13.85 27.76
N GLU B 52 -11.68 13.98 28.99
CA GLU B 52 -12.77 13.13 29.45
C GLU B 52 -14.02 13.38 28.61
N GLY B 53 -14.75 12.30 28.32
CA GLY B 53 -15.93 12.41 27.50
C GLY B 53 -15.68 12.43 26.00
N VAL B 54 -14.44 12.21 25.57
CA VAL B 54 -14.10 12.13 24.15
C VAL B 54 -13.78 10.67 23.85
N LYS B 55 -14.52 10.10 22.89
CA LYS B 55 -14.34 8.71 22.49
C LYS B 55 -13.78 8.64 21.09
N MET B 56 -12.98 7.60 20.84
CA MET B 56 -12.33 7.40 19.55
C MET B 56 -13.13 6.38 18.73
N THR B 57 -13.41 6.73 17.49
CA THR B 57 -14.08 5.87 16.54
C THR B 57 -13.09 5.47 15.46
N LYS B 58 -13.10 4.19 15.08
CA LYS B 58 -12.18 3.69 14.07
C LYS B 58 -12.97 2.93 13.01
N TYR B 59 -12.86 3.39 11.76
CA TYR B 59 -13.54 2.78 10.62
C TYR B 59 -12.53 2.26 9.61
N HIS B 60 -12.91 1.17 8.94
CA HIS B 60 -12.13 0.55 7.88
C HIS B 60 -12.60 1.07 6.53
N VAL B 61 -11.69 1.13 5.57
CA VAL B 61 -11.98 1.62 4.22
C VAL B 61 -11.33 0.69 3.20
N ASN B 62 -11.61 0.92 1.93
CA ASN B 62 -11.05 0.12 0.84
C ASN B 62 -10.56 1.03 -0.28
N PHE B 63 -9.25 1.10 -0.45
CA PHE B 63 -8.63 1.77 -1.58
C PHE B 63 -7.76 0.84 -2.42
N MET B 64 -6.98 -0.03 -1.78
CA MET B 64 -6.03 -0.88 -2.50
C MET B 64 -6.30 -2.37 -2.35
N GLY B 65 -7.38 -2.76 -1.68
CA GLY B 65 -7.67 -4.16 -1.43
C GLY B 65 -8.63 -4.83 -2.38
N GLY B 66 -9.11 -4.15 -3.42
CA GLY B 66 -10.02 -4.76 -4.36
C GLY B 66 -11.26 -5.30 -3.66
N ASP B 67 -11.83 -6.37 -4.24
CA ASP B 67 -13.01 -6.98 -3.62
C ASP B 67 -12.71 -7.49 -2.22
N LEU B 68 -11.50 -7.98 -2.00
CA LEU B 68 -11.14 -8.44 -0.67
C LEU B 68 -11.19 -7.30 0.34
N GLY B 69 -10.76 -6.10 -0.07
CA GLY B 69 -10.83 -4.96 0.82
C GLY B 69 -12.25 -4.69 1.29
N LYS B 70 -13.23 -4.86 0.40
CA LYS B 70 -14.62 -4.67 0.78
C LYS B 70 -15.04 -5.69 1.83
N ASP B 71 -14.62 -6.95 1.67
CA ASP B 71 -14.94 -7.96 2.67
C ASP B 71 -14.31 -7.61 4.01
N LEU B 72 -13.10 -7.07 4.00
CA LEU B 72 -12.45 -6.65 5.24
C LEU B 72 -13.22 -5.52 5.92
N THR B 73 -13.78 -4.60 5.13
CA THR B 73 -14.61 -3.55 5.72
C THR B 73 -15.82 -4.16 6.43
N GLN B 74 -16.45 -5.17 5.80
CA GLN B 74 -17.57 -5.84 6.44
C GLN B 74 -17.11 -6.64 7.66
N ALA B 75 -15.93 -7.25 7.58
CA ALA B 75 -15.41 -7.98 8.73
C ALA B 75 -15.12 -7.03 9.89
N TRP B 76 -14.64 -5.81 9.60
CA TRP B 76 -14.44 -4.84 10.68
C TRP B 76 -15.76 -4.44 11.29
N ALA B 77 -16.82 -4.35 10.48
CA ALA B 77 -18.14 -4.09 11.02
C ALA B 77 -18.59 -5.21 11.95
N VAL B 78 -18.28 -6.46 11.60
CA VAL B 78 -18.57 -7.58 12.48
C VAL B 78 -17.77 -7.46 13.77
N ALA B 79 -16.50 -7.05 13.67
CA ALA B 79 -15.68 -6.91 14.86
C ALA B 79 -16.25 -5.84 15.79
N MET B 80 -16.76 -4.74 15.22
CA MET B 80 -17.38 -3.72 16.05
C MET B 80 -18.67 -4.23 16.69
N ALA B 81 -19.50 -4.92 15.90
CA ALA B 81 -20.79 -5.39 16.42
C ALA B 81 -20.61 -6.45 17.50
N LEU B 82 -19.59 -7.29 17.39
CA LEU B 82 -19.30 -8.30 18.41
C LEU B 82 -18.42 -7.78 19.53
N GLY B 83 -17.86 -6.57 19.38
CA GLY B 83 -16.93 -6.06 20.37
C GLY B 83 -15.69 -6.90 20.52
N VAL B 84 -15.11 -7.34 19.41
CA VAL B 84 -13.89 -8.13 19.43
C VAL B 84 -12.75 -7.43 18.72
N GLU B 85 -12.82 -6.10 18.64
CA GLU B 85 -11.74 -5.34 17.99
C GLU B 85 -10.39 -5.68 18.59
N ASP B 86 -10.30 -5.75 19.92
CA ASP B 86 -9.02 -6.00 20.56
C ASP B 86 -8.64 -7.48 20.60
N LYS B 87 -9.33 -8.33 19.84
CA LYS B 87 -8.90 -9.71 19.65
C LYS B 87 -8.53 -10.04 18.21
N VAL B 88 -9.10 -9.37 17.22
CA VAL B 88 -8.90 -9.74 15.82
C VAL B 88 -8.03 -8.76 15.05
N THR B 89 -7.65 -7.63 15.65
CA THR B 89 -6.89 -6.64 14.89
C THR B 89 -5.53 -7.17 14.47
N VAL B 90 -4.82 -7.81 15.39
CA VAL B 90 -3.49 -8.35 15.11
C VAL B 90 -3.57 -9.49 14.11
N PRO B 91 -4.40 -10.51 14.34
CA PRO B 91 -4.47 -11.60 13.35
C PRO B 91 -4.89 -11.14 11.97
N LEU B 92 -5.70 -10.07 11.87
CA LEU B 92 -6.09 -9.57 10.57
C LEU B 92 -4.94 -8.81 9.90
N PHE B 93 -4.26 -7.92 10.63
CA PHE B 93 -3.07 -7.29 10.08
C PHE B 93 -2.03 -8.33 9.68
N GLU B 94 -1.69 -9.23 10.61
CA GLU B 94 -0.66 -10.21 10.32
C GLU B 94 -1.09 -11.15 9.20
N GLY B 95 -2.36 -11.57 9.20
CA GLY B 95 -2.82 -12.49 8.18
C GLY B 95 -2.77 -11.90 6.78
N VAL B 96 -3.07 -10.62 6.65
CA VAL B 96 -3.04 -9.97 5.33
C VAL B 96 -1.61 -9.68 4.92
N GLN B 97 -0.86 -9.01 5.78
CA GLN B 97 0.42 -8.43 5.39
C GLN B 97 1.64 -9.26 5.78
N LYS B 98 1.55 -10.10 6.82
CA LYS B 98 2.75 -10.76 7.32
C LYS B 98 2.79 -12.24 6.94
N THR B 99 1.97 -13.07 7.59
CA THR B 99 1.96 -14.49 7.30
C THR B 99 1.27 -14.83 5.99
N GLN B 100 0.53 -13.89 5.41
CA GLN B 100 -0.12 -14.11 4.12
C GLN B 100 -0.99 -15.36 4.13
N THR B 101 -1.74 -15.53 5.21
CA THR B 101 -2.72 -16.59 5.34
C THR B 101 -4.14 -16.09 5.14
N ILE B 102 -4.33 -14.79 4.95
CA ILE B 102 -5.63 -14.21 4.63
C ILE B 102 -5.62 -13.85 3.15
N ARG B 103 -6.27 -14.67 2.34
CA ARG B 103 -6.29 -14.51 0.89
C ARG B 103 -7.69 -14.32 0.33
N SER B 104 -8.73 -14.57 1.13
CA SER B 104 -10.11 -14.48 0.68
C SER B 104 -10.99 -14.40 1.91
N ALA B 105 -12.29 -14.20 1.69
CA ALA B 105 -13.21 -13.96 2.79
C ALA B 105 -13.25 -15.13 3.77
N SER B 106 -13.09 -16.36 3.28
CA SER B 106 -13.15 -17.50 4.20
C SER B 106 -11.99 -17.49 5.18
N ASP B 107 -10.85 -16.92 4.78
CA ASP B 107 -9.73 -16.80 5.73
C ASP B 107 -10.04 -15.78 6.82
N ILE B 108 -10.83 -14.74 6.48
CA ILE B 108 -11.24 -13.78 7.50
C ILE B 108 -12.12 -14.46 8.53
N ARG B 109 -13.10 -15.24 8.07
CA ARG B 109 -13.94 -15.99 8.98
C ARG B 109 -13.11 -16.87 9.91
N ASP B 110 -12.11 -17.55 9.37
CA ASP B 110 -11.26 -18.42 10.19
C ASP B 110 -10.63 -17.64 11.33
N VAL B 111 -10.24 -16.40 11.08
CA VAL B 111 -9.59 -15.59 12.10
C VAL B 111 -10.53 -15.41 13.30
N PHE B 112 -11.79 -15.08 13.05
CA PHE B 112 -12.74 -14.89 14.13
C PHE B 112 -13.00 -16.21 14.86
N ILE B 113 -13.20 -17.30 14.11
CA ILE B 113 -13.40 -18.61 14.73
C ILE B 113 -12.20 -18.98 15.61
N ASN B 114 -10.98 -18.70 15.13
CA ASN B 114 -9.78 -19.04 15.90
C ASN B 114 -9.66 -18.20 17.15
N ALA B 115 -10.21 -16.99 17.14
CA ALA B 115 -10.26 -16.11 18.31
C ALA B 115 -11.41 -16.47 19.26
N GLY B 116 -12.13 -17.54 18.98
CA GLY B 116 -13.13 -18.05 19.90
C GLY B 116 -14.56 -17.69 19.57
N ILE B 117 -14.79 -16.96 18.49
CA ILE B 117 -16.14 -16.68 18.04
C ILE B 117 -16.68 -17.88 17.30
N LYS B 118 -17.88 -18.33 17.67
CA LYS B 118 -18.49 -19.46 16.98
C LYS B 118 -18.79 -19.10 15.53
N GLY B 119 -18.54 -20.04 14.63
CA GLY B 119 -18.84 -19.80 13.23
C GLY B 119 -20.27 -19.37 13.00
N GLU B 120 -21.22 -20.00 13.70
CA GLU B 120 -22.63 -19.62 13.55
C GLU B 120 -22.84 -18.18 13.96
N GLU B 121 -22.13 -17.71 14.99
CA GLU B 121 -22.30 -16.35 15.47
C GLU B 121 -21.64 -15.35 14.52
N TYR B 122 -20.46 -15.68 14.00
CA TYR B 122 -19.86 -14.85 12.97
C TYR B 122 -20.80 -14.69 11.79
N ASP B 123 -21.38 -15.79 11.32
CA ASP B 123 -22.24 -15.74 10.15
C ASP B 123 -23.50 -14.90 10.42
N ALA B 124 -24.12 -15.10 11.59
CA ALA B 124 -25.29 -14.29 11.93
C ALA B 124 -24.94 -12.82 11.98
N ALA B 125 -23.81 -12.47 12.61
CA ALA B 125 -23.39 -11.08 12.63
C ALA B 125 -23.10 -10.56 11.23
N TRP B 126 -22.39 -11.35 10.43
CA TRP B 126 -22.03 -10.93 9.08
C TRP B 126 -23.27 -10.55 8.27
N ASN B 127 -24.38 -11.25 8.48
CA ASN B 127 -25.61 -11.02 7.73
C ASN B 127 -26.61 -10.15 8.47
N SER B 128 -26.20 -9.50 9.56
CA SER B 128 -27.13 -8.77 10.38
C SER B 128 -27.39 -7.38 9.81
N PHE B 129 -28.56 -6.84 10.14
CA PHE B 129 -28.86 -5.45 9.82
C PHE B 129 -27.87 -4.50 10.49
N VAL B 130 -27.47 -4.82 11.72
CA VAL B 130 -26.50 -3.98 12.44
C VAL B 130 -25.23 -3.85 11.62
N VAL B 131 -24.70 -4.97 11.11
CA VAL B 131 -23.47 -4.92 10.35
C VAL B 131 -23.69 -4.26 9.00
N LYS B 132 -24.77 -4.63 8.31
CA LYS B 132 -25.16 -3.92 7.09
C LYS B 132 -25.17 -2.42 7.33
N SER B 133 -25.76 -2.00 8.45
CA SER B 133 -25.76 -0.58 8.79
C SER B 133 -24.36 -0.06 9.08
N LEU B 134 -23.53 -0.84 9.78
CA LEU B 134 -22.17 -0.41 10.07
C LEU B 134 -21.38 -0.18 8.79
N VAL B 135 -21.52 -1.08 7.82
CA VAL B 135 -20.83 -0.92 6.55
C VAL B 135 -21.20 0.41 5.91
N ALA B 136 -22.51 0.73 5.91
CA ALA B 136 -22.97 1.96 5.29
C ALA B 136 -22.45 3.19 6.04
N GLN B 137 -22.37 3.10 7.38
CA GLN B 137 -21.85 4.22 8.15
C GLN B 137 -20.38 4.49 7.82
N GLN B 138 -19.58 3.44 7.70
CA GLN B 138 -18.17 3.61 7.38
C GLN B 138 -17.99 4.25 6.01
N GLU B 139 -18.73 3.75 5.01
CA GLU B 139 -18.61 4.31 3.67
C GLU B 139 -19.03 5.76 3.64
N LYS B 140 -20.14 6.11 4.33
CA LYS B 140 -20.60 7.49 4.31
C LYS B 140 -19.66 8.41 5.07
N ALA B 141 -19.06 7.94 6.16
CA ALA B 141 -18.07 8.75 6.86
C ALA B 141 -16.91 9.10 5.96
N ALA B 142 -16.41 8.12 5.20
CA ALA B 142 -15.30 8.38 4.28
C ALA B 142 -15.72 9.36 3.19
N ALA B 143 -16.90 9.15 2.60
CA ALA B 143 -17.39 10.06 1.57
C ALA B 143 -17.53 11.47 2.11
N ASP B 144 -18.03 11.61 3.33
CA ASP B 144 -18.26 12.94 3.90
C ASP B 144 -16.97 13.74 3.97
N VAL B 145 -15.86 13.10 4.32
CA VAL B 145 -14.60 13.80 4.48
C VAL B 145 -13.80 13.74 3.18
N GLN B 146 -14.43 13.26 2.11
CA GLN B 146 -13.74 13.07 0.84
C GLN B 146 -12.40 12.36 1.06
N LEU B 147 -12.46 11.25 1.79
CA LEU B 147 -11.24 10.54 2.13
C LEU B 147 -10.52 10.05 0.87
N ARG B 148 -9.22 10.37 0.77
CA ARG B 148 -8.41 9.92 -0.35
C ARG B 148 -7.32 8.92 0.03
N GLY B 149 -7.09 8.67 1.33
CA GLY B 149 -6.02 7.77 1.75
C GLY B 149 -6.07 7.48 3.23
N VAL B 150 -5.33 6.45 3.62
CA VAL B 150 -5.19 6.03 5.00
C VAL B 150 -3.69 5.86 5.28
N PRO B 151 -3.24 5.97 6.54
CA PRO B 151 -4.13 6.26 7.66
C PRO B 151 -4.59 7.72 7.65
N ALA B 152 -5.67 8.01 8.36
CA ALA B 152 -6.16 9.38 8.48
C ALA B 152 -6.93 9.51 9.79
N MET B 153 -6.97 10.72 10.32
CA MET B 153 -7.72 11.01 11.53
C MET B 153 -8.33 12.39 11.45
N PHE B 154 -9.56 12.52 11.92
CA PHE B 154 -10.32 13.76 11.84
C PHE B 154 -10.91 14.08 13.21
N VAL B 155 -10.88 15.37 13.57
CA VAL B 155 -11.41 15.83 14.85
C VAL B 155 -12.67 16.64 14.57
N ASN B 156 -13.79 16.20 15.14
CA ASN B 156 -15.06 16.92 15.09
C ASN B 156 -15.49 17.26 13.66
N GLY B 157 -15.11 16.41 12.71
CA GLY B 157 -15.48 16.66 11.32
C GLY B 157 -15.02 17.99 10.78
N LYS B 158 -13.98 18.58 11.35
CA LYS B 158 -13.53 19.90 10.93
C LYS B 158 -12.04 19.94 10.61
N TYR B 159 -11.26 19.12 11.30
CA TYR B 159 -9.81 19.17 11.21
C TYR B 159 -9.25 17.79 10.87
N GLN B 160 -8.26 17.78 9.98
CA GLN B 160 -7.60 16.56 9.54
C GLN B 160 -6.16 16.57 10.04
N LEU B 161 -5.76 15.52 10.75
CA LEU B 161 -4.38 15.41 11.20
C LEU B 161 -3.44 15.42 10.01
N ASN B 162 -2.31 16.10 10.16
CA ASN B 162 -1.31 16.26 9.10
C ASN B 162 0.04 15.75 9.57
N PRO B 163 0.20 14.44 9.75
CA PRO B 163 1.50 13.93 10.21
C PRO B 163 2.63 14.34 9.31
N GLN B 164 2.35 14.60 8.03
CA GLN B 164 3.40 15.00 7.09
C GLN B 164 4.07 16.31 7.51
N GLY B 165 3.39 17.14 8.28
CA GLY B 165 3.94 18.40 8.74
C GLY B 165 4.56 18.37 10.11
N MET B 166 4.55 17.23 10.79
CA MET B 166 5.08 17.12 12.14
C MET B 166 6.56 16.74 12.09
N ASP B 167 7.16 16.64 13.27
CA ASP B 167 8.57 16.31 13.40
C ASP B 167 8.73 14.81 13.20
N THR B 168 9.05 14.41 11.96
CA THR B 168 9.17 13.00 11.61
C THR B 168 10.55 12.43 11.88
N SER B 169 11.45 13.21 12.50
CA SER B 169 12.78 12.71 12.81
C SER B 169 12.77 11.84 14.06
N ASN B 170 12.36 12.41 15.19
CA ASN B 170 12.30 11.70 16.46
C ASN B 170 10.92 11.08 16.60
N MET B 171 10.86 9.74 16.53
CA MET B 171 9.57 9.06 16.57
C MET B 171 8.87 9.26 17.91
N ASP B 172 9.62 9.25 19.02
CA ASP B 172 9.02 9.48 20.32
C ASP B 172 8.37 10.86 20.38
N VAL B 173 9.05 11.87 19.86
CA VAL B 173 8.48 13.22 19.84
C VAL B 173 7.32 13.28 18.85
N PHE B 174 7.48 12.65 17.69
CA PHE B 174 6.40 12.62 16.69
C PHE B 174 5.12 12.05 17.28
N VAL B 175 5.21 10.93 17.98
CA VAL B 175 4.01 10.26 18.49
C VAL B 175 3.25 11.17 19.44
N GLN B 176 3.96 11.84 20.36
CA GLN B 176 3.29 12.72 21.30
C GLN B 176 2.81 14.00 20.61
N GLN B 177 3.53 14.46 19.58
CA GLN B 177 3.05 15.60 18.80
C GLN B 177 1.72 15.28 18.14
N TYR B 178 1.61 14.08 17.56
CA TYR B 178 0.34 13.64 17.00
C TYR B 178 -0.74 13.60 18.07
N ALA B 179 -0.46 12.93 19.19
CA ALA B 179 -1.45 12.84 20.26
C ALA B 179 -1.82 14.21 20.79
N ASP B 180 -0.82 15.10 20.95
CA ASP B 180 -1.11 16.43 21.48
C ASP B 180 -1.90 17.27 20.48
N THR B 181 -1.66 17.08 19.18
CA THR B 181 -2.45 17.80 18.19
C THR B 181 -3.92 17.39 18.25
N VAL B 182 -4.19 16.09 18.43
CA VAL B 182 -5.56 15.65 18.57
C VAL B 182 -6.21 16.27 19.80
N LYS B 183 -5.51 16.20 20.94
CA LYS B 183 -6.02 16.80 22.17
C LYS B 183 -6.30 18.29 21.99
N TYR B 184 -5.37 19.01 21.35
CA TYR B 184 -5.54 20.44 21.14
C TYR B 184 -6.75 20.73 20.26
N LEU B 185 -6.86 20.02 19.14
CA LEU B 185 -7.98 20.24 18.23
C LEU B 185 -9.31 19.91 18.89
N SER B 186 -9.35 18.85 19.70
CA SER B 186 -10.59 18.50 20.36
C SER B 186 -11.02 19.55 21.37
N GLU B 187 -10.10 20.40 21.82
CA GLU B 187 -10.40 21.49 22.74
C GLU B 187 -10.73 22.79 22.05
N LYS B 188 -10.62 22.86 20.72
CA LYS B 188 -10.97 24.06 19.98
C LYS B 188 -12.47 24.29 20.00
#